data_9F8C
#
_entry.id   9F8C
#
_cell.length_a   89.991
_cell.length_b   127.429
_cell.length_c   62.593
_cell.angle_alpha   90.00
_cell.angle_beta   90.00
_cell.angle_gamma   90.00
#
_symmetry.space_group_name_H-M   'C 2 2 21'
#
loop_
_entity.id
_entity.type
_entity.pdbx_description
1 polymer 'Monoglyceride lipase'
2 non-polymer (4~{a}~{R},8~{a}~{R})-6-[4-[[4-(trifluoromethyl)phenyl]methyl]piperidin-1-yl]carbonyl-4,4~{a},5,7,8,8~{a}-hexahydropyrido[4,3-b][1,4]oxazin-3-one
3 non-polymer 'SODIUM ION'
4 non-polymer 1,2-ETHANEDIOL
5 water water
#
_entity_poly.entity_id   1
_entity_poly.type   'polypeptide(L)'
_entity_poly.pdbx_seq_one_letter_code
;MGSSHHHHHHSSGENLYFQGMPEESSPRRTPQSIPYQDLPHLVNADGQYLFCRYWAPTGTPKALIFVSHGAGEHSGRYEE
LARMLMGLDLLVFAHDHVGHGQSEGERMVVSDFHVFVRDVLQHVDSMQKDYPGLPVFLLGHSMGGAIAILTAAERPGHFA
GMVLISPLVLANPESATTFKVLAAKVLNSVLPNLSSGPIDSSVLSRNKTEVDIYNSDPLICRAGLKVCFGIQLLNAVSRV
ERALPKLTVPFLLLQGSADRLCDSKGAYLLMELAKSQDKTLKIYEGAYHVLHKELPEVTNSVFHEINMWVSQRTATAGTA
SPP
;
_entity_poly.pdbx_strand_id   A
#
loop_
_chem_comp.id
_chem_comp.type
_chem_comp.name
_chem_comp.formula
A1IA2 non-polymer (4~{a}~{R},8~{a}~{R})-6-[4-[[4-(trifluoromethyl)phenyl]methyl]piperidin-1-yl]carbonyl-4,4~{a},5,7,8,8~{a}-hexahydropyrido[4,3-b][1,4]oxazin-3-one 'C21 H26 F3 N3 O3'
EDO non-polymer 1,2-ETHANEDIOL 'C2 H6 O2'
NA non-polymer 'SODIUM ION' 'Na 1'
#
# COMPACT_ATOMS: atom_id res chain seq x y z
N MET A 21 33.15 -30.34 -10.23
CA MET A 21 32.01 -30.16 -9.34
C MET A 21 31.33 -28.81 -9.58
N PRO A 22 30.01 -28.81 -9.85
CA PRO A 22 29.30 -27.54 -10.02
C PRO A 22 29.23 -26.76 -8.72
N GLU A 23 29.17 -25.42 -8.83
CA GLU A 23 29.13 -24.57 -7.65
C GLU A 23 27.90 -23.69 -7.67
N GLU A 24 27.44 -23.31 -6.47
CA GLU A 24 26.27 -22.45 -6.37
C GLU A 24 26.63 -21.02 -6.77
N SER A 25 25.79 -20.40 -7.61
CA SER A 25 25.96 -19.03 -8.07
C SER A 25 25.93 -18.05 -6.89
N SER A 26 26.53 -16.85 -7.08
CA SER A 26 26.61 -15.77 -6.09
C SER A 26 25.23 -15.49 -5.48
N PRO A 27 25.16 -15.29 -4.15
CA PRO A 27 23.85 -15.09 -3.51
C PRO A 27 23.00 -13.99 -4.13
N ARG A 28 21.66 -14.20 -4.20
CA ARG A 28 20.75 -13.20 -4.74
C ARG A 28 20.76 -12.01 -3.78
N ARG A 29 20.86 -10.81 -4.32
CA ARG A 29 20.95 -9.60 -3.49
C ARG A 29 19.85 -8.61 -3.80
N THR A 30 19.55 -7.74 -2.84
CA THR A 30 18.58 -6.67 -3.07
C THR A 30 19.13 -5.70 -4.12
N PRO A 31 18.30 -4.74 -4.59
CA PRO A 31 18.84 -3.72 -5.51
C PRO A 31 19.91 -2.86 -4.82
N GLN A 32 19.99 -2.87 -3.48
CA GLN A 32 21.01 -2.15 -2.71
C GLN A 32 22.24 -3.04 -2.36
N SER A 33 22.33 -4.21 -3.01
CA SER A 33 23.40 -5.21 -2.91
CA SER A 33 23.42 -5.18 -2.89
C SER A 33 23.51 -5.93 -1.56
N ILE A 34 22.41 -6.06 -0.82
CA ILE A 34 22.44 -6.83 0.44
C ILE A 34 21.96 -8.24 0.13
N PRO A 35 22.69 -9.31 0.52
CA PRO A 35 22.18 -10.67 0.25
C PRO A 35 20.81 -10.92 0.90
N TYR A 36 19.84 -11.48 0.15
CA TYR A 36 18.54 -11.82 0.73
C TYR A 36 18.69 -12.85 1.86
N GLN A 37 19.77 -13.68 1.84
CA GLN A 37 19.97 -14.65 2.94
C GLN A 37 20.17 -13.96 4.32
N ASP A 38 20.52 -12.66 4.33
CA ASP A 38 20.70 -11.91 5.57
C ASP A 38 19.45 -11.10 5.95
N LEU A 39 18.32 -11.27 5.23
CA LEU A 39 17.13 -10.46 5.48
C LEU A 39 15.89 -11.35 5.48
N PRO A 40 14.83 -10.94 6.19
CA PRO A 40 13.55 -11.67 6.06
C PRO A 40 13.05 -11.47 4.62
N HIS A 41 12.62 -12.57 4.01
CA HIS A 41 12.19 -12.49 2.62
C HIS A 41 11.18 -13.55 2.27
N LEU A 42 10.64 -13.42 1.08
CA LEU A 42 9.66 -14.33 0.50
CA LEU A 42 9.73 -14.41 0.49
C LEU A 42 9.91 -14.36 -1.02
N VAL A 43 9.76 -15.52 -1.68
CA VAL A 43 9.93 -15.56 -3.14
C VAL A 43 8.53 -15.63 -3.73
N ASN A 44 8.18 -14.69 -4.60
CA ASN A 44 6.83 -14.67 -5.16
C ASN A 44 6.65 -15.71 -6.31
N ALA A 45 5.42 -15.77 -6.88
CA ALA A 45 5.10 -16.74 -7.93
C ALA A 45 5.92 -16.55 -9.21
N ASP A 46 6.46 -15.35 -9.42
CA ASP A 46 7.32 -15.05 -10.56
C ASP A 46 8.81 -15.30 -10.26
N GLY A 47 9.14 -15.87 -9.10
CA GLY A 47 10.53 -16.14 -8.74
C GLY A 47 11.29 -14.91 -8.26
N GLN A 48 10.56 -13.83 -7.88
CA GLN A 48 11.18 -12.57 -7.42
C GLN A 48 11.22 -12.52 -5.92
N TYR A 49 12.34 -12.07 -5.35
CA TYR A 49 12.46 -11.94 -3.91
C TYR A 49 11.80 -10.66 -3.44
N LEU A 50 10.96 -10.81 -2.40
CA LEU A 50 10.36 -9.65 -1.75
C LEU A 50 10.95 -9.53 -0.37
N PHE A 51 11.36 -8.31 -0.01
CA PHE A 51 11.90 -8.06 1.32
C PHE A 51 10.70 -7.95 2.27
N CYS A 52 10.81 -8.59 3.45
CA CYS A 52 9.74 -8.64 4.46
C CYS A 52 10.12 -7.97 5.76
N ARG A 53 9.10 -7.52 6.49
CA ARG A 53 9.23 -6.94 7.82
C ARG A 53 8.20 -7.53 8.76
N TYR A 54 8.59 -7.74 10.03
CA TYR A 54 7.72 -8.29 11.06
C TYR A 54 7.89 -7.53 12.35
N TRP A 55 6.76 -7.27 13.03
CA TRP A 55 6.74 -6.64 14.35
C TRP A 55 5.78 -7.51 15.19
N ALA A 56 6.35 -8.41 15.99
CA ALA A 56 5.55 -9.35 16.77
C ALA A 56 5.58 -9.03 18.25
N PRO A 57 4.43 -9.16 18.95
CA PRO A 57 4.43 -8.93 20.39
C PRO A 57 5.10 -10.07 21.17
N THR A 58 5.35 -9.87 22.48
CA THR A 58 5.98 -10.91 23.29
C THR A 58 5.01 -12.05 23.63
N GLY A 59 3.71 -11.75 23.70
CA GLY A 59 2.70 -12.77 24.00
C GLY A 59 2.07 -13.36 22.75
N THR A 60 1.03 -14.18 22.94
CA THR A 60 0.31 -14.79 21.82
C THR A 60 -0.45 -13.67 21.12
N PRO A 61 -0.30 -13.52 19.79
CA PRO A 61 -1.00 -12.42 19.12
C PRO A 61 -2.51 -12.61 19.14
N LYS A 62 -3.23 -11.50 19.25
CA LYS A 62 -4.69 -11.49 19.20
C LYS A 62 -5.16 -11.58 17.74
N ALA A 63 -4.35 -11.04 16.80
CA ALA A 63 -4.70 -10.98 15.39
C ALA A 63 -3.43 -10.69 14.57
N LEU A 64 -3.52 -10.87 13.24
CA LEU A 64 -2.44 -10.53 12.32
C LEU A 64 -2.88 -9.29 11.54
N ILE A 65 -1.92 -8.48 11.08
CA ILE A 65 -2.27 -7.32 10.26
C ILE A 65 -1.19 -7.07 9.22
N PHE A 66 -1.57 -7.08 7.94
CA PHE A 66 -0.63 -6.81 6.85
C PHE A 66 -0.67 -5.33 6.51
N VAL A 67 0.50 -4.71 6.41
CA VAL A 67 0.62 -3.31 6.05
C VAL A 67 1.08 -3.21 4.58
N SER A 68 0.30 -2.50 3.76
CA SER A 68 0.47 -2.34 2.33
C SER A 68 0.85 -0.90 1.98
N HIS A 69 2.14 -0.67 1.65
CA HIS A 69 2.66 0.66 1.34
C HIS A 69 2.23 1.17 -0.04
N GLY A 70 2.47 2.45 -0.29
CA GLY A 70 2.07 3.08 -1.54
C GLY A 70 3.15 3.13 -2.61
N ALA A 71 2.81 3.77 -3.73
CA ALA A 71 3.69 3.85 -4.89
C ALA A 71 4.96 4.63 -4.58
N GLY A 72 6.07 4.09 -5.05
CA GLY A 72 7.37 4.71 -4.88
C GLY A 72 7.98 4.60 -3.52
N GLU A 73 7.20 4.23 -2.49
CA GLU A 73 7.78 4.17 -1.14
C GLU A 73 8.07 2.70 -0.75
N HIS A 74 8.09 2.37 0.55
CA HIS A 74 8.47 1.04 0.99
C HIS A 74 7.98 0.86 2.43
N SER A 75 8.07 -0.39 2.92
CA SER A 75 7.55 -0.76 4.24
C SER A 75 8.23 -0.12 5.45
N GLY A 76 9.46 0.35 5.27
CA GLY A 76 10.19 0.98 6.38
C GLY A 76 9.55 2.26 6.89
N ARG A 77 8.69 2.86 6.07
CA ARG A 77 8.00 4.09 6.45
C ARG A 77 6.82 3.88 7.41
N TYR A 78 6.52 2.62 7.73
CA TYR A 78 5.42 2.25 8.61
C TYR A 78 5.88 1.81 10.00
N GLU A 79 7.15 2.11 10.36
CA GLU A 79 7.70 1.72 11.64
C GLU A 79 6.84 2.15 12.83
N GLU A 80 6.50 3.45 12.93
CA GLU A 80 5.75 3.93 14.10
C GLU A 80 4.34 3.37 14.13
N LEU A 81 3.65 3.31 12.99
CA LEU A 81 2.29 2.72 12.95
C LEU A 81 2.35 1.27 13.39
N ALA A 82 3.34 0.51 12.87
CA ALA A 82 3.48 -0.91 13.17
C ALA A 82 3.78 -1.12 14.63
N ARG A 83 4.63 -0.28 15.23
CA ARG A 83 4.94 -0.43 16.66
C ARG A 83 3.69 -0.17 17.52
N MET A 84 2.86 0.77 17.12
CA MET A 84 1.58 1.04 17.83
C MET A 84 0.69 -0.20 17.74
N LEU A 85 0.59 -0.80 16.55
CA LEU A 85 -0.24 -1.99 16.35
C LEU A 85 0.28 -3.16 17.13
N MET A 86 1.60 -3.36 17.14
CA MET A 86 2.22 -4.43 17.90
CA MET A 86 2.24 -4.43 17.91
C MET A 86 1.97 -4.23 19.41
N GLY A 87 1.89 -2.97 19.85
CA GLY A 87 1.59 -2.63 21.24
C GLY A 87 0.19 -3.04 21.66
N LEU A 88 -0.70 -3.26 20.68
CA LEU A 88 -2.07 -3.76 20.91
C LEU A 88 -2.13 -5.30 20.86
N ASP A 89 -0.97 -5.99 20.78
CA ASP A 89 -0.84 -7.43 20.71
C ASP A 89 -1.20 -8.00 19.35
N LEU A 90 -1.06 -7.21 18.29
CA LEU A 90 -1.24 -7.72 16.93
C LEU A 90 0.14 -8.03 16.37
N LEU A 91 0.22 -9.06 15.54
CA LEU A 91 1.46 -9.38 14.85
C LEU A 91 1.37 -8.64 13.50
N VAL A 92 2.23 -7.63 13.32
CA VAL A 92 2.22 -6.80 12.11
C VAL A 92 3.25 -7.37 11.14
N PHE A 93 2.89 -7.42 9.88
CA PHE A 93 3.81 -7.93 8.85
C PHE A 93 3.63 -7.15 7.57
N ALA A 94 4.69 -7.09 6.77
CA ALA A 94 4.67 -6.29 5.55
C ALA A 94 5.73 -6.84 4.60
N HIS A 95 5.67 -6.41 3.35
CA HIS A 95 6.75 -6.62 2.42
C HIS A 95 6.78 -5.40 1.50
N ASP A 96 7.95 -5.18 0.88
CA ASP A 96 8.05 -4.14 -0.13
C ASP A 96 7.46 -4.75 -1.40
N HIS A 97 6.51 -4.04 -2.03
CA HIS A 97 5.89 -4.54 -3.26
C HIS A 97 6.97 -4.69 -4.34
N VAL A 98 6.73 -5.57 -5.32
CA VAL A 98 7.69 -5.74 -6.42
CA VAL A 98 7.64 -5.74 -6.46
C VAL A 98 8.02 -4.37 -7.06
N GLY A 99 9.29 -4.18 -7.43
CA GLY A 99 9.72 -2.90 -8.00
C GLY A 99 9.88 -1.77 -7.00
N HIS A 100 9.76 -2.08 -5.71
CA HIS A 100 9.87 -1.10 -4.63
C HIS A 100 10.88 -1.47 -3.57
N GLY A 101 11.40 -0.45 -2.90
CA GLY A 101 12.29 -0.59 -1.75
C GLY A 101 13.38 -1.62 -1.93
N GLN A 102 13.40 -2.61 -1.02
CA GLN A 102 14.42 -3.65 -1.00
C GLN A 102 14.01 -4.93 -1.72
N SER A 103 12.84 -4.93 -2.38
CA SER A 103 12.40 -6.07 -3.17
C SER A 103 12.99 -6.01 -4.58
N GLU A 104 12.97 -7.15 -5.26
CA GLU A 104 13.46 -7.21 -6.63
C GLU A 104 12.45 -6.58 -7.60
N GLY A 105 12.86 -6.47 -8.86
CA GLY A 105 12.05 -5.96 -9.94
C GLY A 105 12.52 -4.62 -10.45
N GLU A 106 12.30 -4.33 -11.76
CA GLU A 106 12.63 -3.01 -12.31
C GLU A 106 11.82 -1.95 -11.52
N ARG A 107 12.46 -0.84 -11.14
CA ARG A 107 11.81 0.15 -10.30
C ARG A 107 10.52 0.69 -10.86
N MET A 108 9.43 0.55 -10.09
CA MET A 108 8.14 1.11 -10.48
C MET A 108 7.61 0.59 -11.78
N VAL A 109 7.73 -0.70 -11.96
N VAL A 109 7.74 -0.71 -11.96
CA VAL A 109 7.15 -1.39 -13.09
CA VAL A 109 7.26 -1.47 -13.10
C VAL A 109 6.43 -2.61 -12.51
C VAL A 109 6.50 -2.67 -12.54
N VAL A 110 5.36 -3.02 -13.16
CA VAL A 110 4.61 -4.19 -12.75
C VAL A 110 3.93 -4.74 -13.99
N SER A 111 4.05 -6.06 -14.23
CA SER A 111 3.47 -6.68 -15.42
C SER A 111 1.95 -6.48 -15.48
N ASP A 112 1.30 -6.62 -14.33
CA ASP A 112 -0.13 -6.36 -14.17
C ASP A 112 -0.33 -5.99 -12.73
N PHE A 113 -1.25 -5.05 -12.45
CA PHE A 113 -1.50 -4.61 -11.07
C PHE A 113 -1.83 -5.77 -10.13
N HIS A 114 -2.44 -6.86 -10.68
CA HIS A 114 -2.82 -8.01 -9.87
C HIS A 114 -1.62 -8.71 -9.24
N VAL A 115 -0.40 -8.52 -9.77
CA VAL A 115 0.81 -9.07 -9.13
C VAL A 115 0.90 -8.62 -7.66
N PHE A 116 0.59 -7.33 -7.40
CA PHE A 116 0.66 -6.83 -6.02
C PHE A 116 -0.34 -7.57 -5.12
N VAL A 117 -1.55 -7.81 -5.64
CA VAL A 117 -2.61 -8.47 -4.88
C VAL A 117 -2.24 -9.94 -4.62
N ARG A 118 -1.76 -10.61 -5.68
CA ARG A 118 -1.33 -11.99 -5.61
C ARG A 118 -0.23 -12.16 -4.52
N ASP A 119 0.74 -11.22 -4.49
CA ASP A 119 1.85 -11.30 -3.55
C ASP A 119 1.40 -11.05 -2.11
N VAL A 120 0.45 -10.10 -1.88
CA VAL A 120 -0.11 -9.88 -0.53
C VAL A 120 -0.79 -11.18 -0.07
N LEU A 121 -1.59 -11.80 -0.96
CA LEU A 121 -2.27 -13.05 -0.61
C LEU A 121 -1.31 -14.18 -0.29
N GLN A 122 -0.17 -14.26 -1.02
CA GLN A 122 0.81 -15.31 -0.71
C GLN A 122 1.37 -15.09 0.69
N HIS A 123 1.71 -13.85 1.03
CA HIS A 123 2.28 -13.56 2.34
C HIS A 123 1.26 -13.78 3.46
N VAL A 124 0.00 -13.37 3.24
CA VAL A 124 -1.06 -13.59 4.23
C VAL A 124 -1.26 -15.11 4.44
N ASP A 125 -1.33 -15.87 3.35
CA ASP A 125 -1.51 -17.32 3.42
C ASP A 125 -0.38 -18.00 4.16
N SER A 126 0.86 -17.52 3.94
CA SER A 126 2.04 -18.08 4.61
CA SER A 126 2.01 -18.10 4.62
C SER A 126 1.96 -17.80 6.11
N MET A 127 1.58 -16.57 6.49
CA MET A 127 1.49 -16.21 7.90
C MET A 127 0.37 -16.94 8.62
N GLN A 128 -0.74 -17.19 7.93
CA GLN A 128 -1.86 -17.90 8.54
C GLN A 128 -1.53 -19.38 8.80
N LYS A 129 -0.55 -19.93 8.09
CA LYS A 129 -0.08 -21.28 8.31
C LYS A 129 0.70 -21.30 9.65
N ASP A 130 1.55 -20.29 9.89
CA ASP A 130 2.35 -20.21 11.11
C ASP A 130 1.52 -19.79 12.33
N TYR A 131 0.45 -19.01 12.12
CA TYR A 131 -0.39 -18.55 13.21
C TYR A 131 -1.84 -18.87 12.85
N PRO A 132 -2.23 -20.15 12.93
CA PRO A 132 -3.61 -20.50 12.52
C PRO A 132 -4.66 -20.04 13.51
N GLY A 133 -5.88 -19.88 13.00
CA GLY A 133 -7.03 -19.47 13.80
C GLY A 133 -7.08 -18.01 14.19
N LEU A 134 -6.13 -17.20 13.73
CA LEU A 134 -6.12 -15.78 14.08
C LEU A 134 -6.82 -14.95 13.03
N PRO A 135 -7.58 -13.93 13.48
CA PRO A 135 -8.16 -13.00 12.49
C PRO A 135 -7.06 -12.22 11.78
N VAL A 136 -7.31 -11.84 10.54
CA VAL A 136 -6.33 -11.08 9.77
CA VAL A 136 -6.33 -11.09 9.75
C VAL A 136 -6.91 -9.78 9.24
N PHE A 137 -6.21 -8.67 9.49
CA PHE A 137 -6.61 -7.34 9.04
C PHE A 137 -5.65 -6.87 7.94
N LEU A 138 -6.08 -5.85 7.20
CA LEU A 138 -5.26 -5.18 6.21
C LEU A 138 -5.17 -3.71 6.54
N LEU A 139 -4.03 -3.10 6.30
CA LEU A 139 -3.88 -1.66 6.44
C LEU A 139 -3.21 -1.20 5.17
N GLY A 140 -3.81 -0.29 4.43
CA GLY A 140 -3.19 0.20 3.20
C GLY A 140 -3.26 1.69 3.06
N HIS A 141 -2.22 2.29 2.50
CA HIS A 141 -2.18 3.72 2.22
C HIS A 141 -2.03 3.94 0.70
N SER A 142 -2.86 4.82 0.11
CA SER A 142 -2.70 5.25 -1.28
C SER A 142 -2.79 4.07 -2.28
N MET A 143 -1.75 3.82 -3.14
CA MET A 143 -1.78 2.63 -3.99
C MET A 143 -1.93 1.35 -3.16
N GLY A 144 -1.33 1.35 -1.95
CA GLY A 144 -1.44 0.21 -1.04
C GLY A 144 -2.87 -0.01 -0.55
N GLY A 145 -3.67 1.06 -0.52
CA GLY A 145 -5.09 1.01 -0.15
C GLY A 145 -5.88 0.39 -1.30
N ALA A 146 -5.54 0.70 -2.55
CA ALA A 146 -6.20 0.06 -3.71
C ALA A 146 -5.86 -1.44 -3.69
N ILE A 147 -4.59 -1.78 -3.39
CA ILE A 147 -4.20 -3.18 -3.24
C ILE A 147 -5.01 -3.87 -2.12
N ALA A 148 -5.16 -3.19 -0.95
CA ALA A 148 -5.92 -3.79 0.17
C ALA A 148 -7.39 -4.02 -0.23
N ILE A 149 -8.01 -3.05 -0.93
CA ILE A 149 -9.40 -3.22 -1.38
C ILE A 149 -9.53 -4.42 -2.33
N LEU A 150 -8.64 -4.50 -3.32
CA LEU A 150 -8.71 -5.61 -4.28
C LEU A 150 -8.44 -6.96 -3.62
N THR A 151 -7.58 -6.98 -2.58
CA THR A 151 -7.24 -8.19 -1.84
C THR A 151 -8.47 -8.66 -1.05
N ALA A 152 -9.14 -7.72 -0.36
CA ALA A 152 -10.34 -8.09 0.40
C ALA A 152 -11.47 -8.49 -0.53
N ALA A 153 -11.59 -7.84 -1.70
CA ALA A 153 -12.66 -8.18 -2.64
C ALA A 153 -12.48 -9.55 -3.28
N GLU A 154 -11.24 -10.01 -3.41
CA GLU A 154 -10.93 -11.33 -3.97
C GLU A 154 -11.30 -12.44 -2.96
N ARG A 155 -11.24 -12.15 -1.64
CA ARG A 155 -11.54 -13.15 -0.63
C ARG A 155 -12.65 -12.66 0.30
N PRO A 156 -13.90 -12.54 -0.18
CA PRO A 156 -14.98 -12.06 0.71
C PRO A 156 -15.14 -12.95 1.94
N GLY A 157 -15.25 -12.29 3.09
CA GLY A 157 -15.42 -12.95 4.38
C GLY A 157 -14.15 -13.42 5.05
N HIS A 158 -13.01 -13.32 4.38
CA HIS A 158 -11.75 -13.82 4.91
C HIS A 158 -11.07 -12.85 5.88
N PHE A 159 -11.16 -11.56 5.59
CA PHE A 159 -10.47 -10.56 6.41
C PHE A 159 -11.39 -10.00 7.48
N ALA A 160 -10.83 -9.75 8.67
CA ALA A 160 -11.59 -9.21 9.80
C ALA A 160 -11.87 -7.71 9.65
N GLY A 161 -11.03 -7.01 8.91
CA GLY A 161 -11.19 -5.58 8.75
C GLY A 161 -10.09 -4.99 7.90
N MET A 162 -10.31 -3.77 7.47
CA MET A 162 -9.37 -3.07 6.64
CA MET A 162 -9.37 -3.03 6.64
C MET A 162 -9.28 -1.61 7.12
N VAL A 163 -8.08 -1.07 7.23
CA VAL A 163 -7.84 0.31 7.60
C VAL A 163 -7.25 0.96 6.35
N LEU A 164 -7.90 2.00 5.80
CA LEU A 164 -7.45 2.65 4.56
C LEU A 164 -7.09 4.09 4.85
N ILE A 165 -5.86 4.44 4.53
CA ILE A 165 -5.38 5.82 4.72
C ILE A 165 -5.23 6.42 3.35
N SER A 166 -6.13 7.36 2.96
CA SER A 166 -6.13 8.01 1.65
CA SER A 166 -6.10 8.02 1.65
C SER A 166 -5.93 7.00 0.52
N PRO A 167 -6.82 5.98 0.44
CA PRO A 167 -6.65 4.96 -0.61
C PRO A 167 -6.87 5.51 -2.00
N LEU A 168 -6.21 4.88 -2.96
CA LEU A 168 -6.38 5.28 -4.36
C LEU A 168 -7.68 4.68 -4.88
N VAL A 169 -8.75 5.50 -4.88
CA VAL A 169 -10.06 5.07 -5.36
C VAL A 169 -10.33 5.89 -6.61
N LEU A 170 -10.18 7.23 -6.52
CA LEU A 170 -10.29 8.10 -7.67
C LEU A 170 -9.02 8.95 -7.69
N ALA A 171 -8.37 9.02 -8.83
CA ALA A 171 -7.16 9.85 -8.96
C ALA A 171 -7.59 11.33 -9.05
N ASN A 172 -6.65 12.29 -8.86
CA ASN A 172 -6.94 13.71 -9.07
C ASN A 172 -7.40 13.89 -10.54
N PRO A 173 -8.53 14.54 -10.76
CA PRO A 173 -9.08 14.63 -12.13
C PRO A 173 -8.11 15.05 -13.23
N GLU A 174 -7.20 15.99 -12.93
CA GLU A 174 -6.22 16.43 -13.92
C GLU A 174 -5.22 15.31 -14.23
N SER A 175 -4.80 14.59 -13.20
CA SER A 175 -3.86 13.49 -13.38
CA SER A 175 -3.86 13.47 -13.34
C SER A 175 -4.50 12.30 -14.09
N ALA A 176 -5.81 12.09 -13.91
CA ALA A 176 -6.52 11.01 -14.59
C ALA A 176 -6.54 11.30 -16.11
N THR A 177 -6.72 12.58 -16.49
CA THR A 177 -6.74 12.98 -17.89
C THR A 177 -5.35 12.80 -18.51
N THR A 178 -4.31 13.24 -17.79
CA THR A 178 -2.91 13.14 -18.22
C THR A 178 -2.51 11.70 -18.54
N PHE A 179 -2.85 10.75 -17.64
CA PHE A 179 -2.50 9.35 -17.86
C PHE A 179 -3.39 8.65 -18.89
N LYS A 180 -4.65 9.09 -19.06
CA LYS A 180 -5.52 8.50 -20.08
C LYS A 180 -5.00 8.85 -21.48
N VAL A 181 -4.46 10.07 -21.64
CA VAL A 181 -3.88 10.54 -22.90
C VAL A 181 -2.56 9.81 -23.16
N LEU A 182 -1.70 9.72 -22.14
CA LEU A 182 -0.43 9.04 -22.29
C LEU A 182 -0.59 7.55 -22.59
N ALA A 183 -1.54 6.90 -21.91
CA ALA A 183 -1.85 5.47 -22.13
C ALA A 183 -2.31 5.24 -23.57
N ALA A 184 -3.06 6.18 -24.13
CA ALA A 184 -3.54 6.08 -25.50
C ALA A 184 -2.39 6.27 -26.52
N LYS A 185 -1.33 7.03 -26.15
CA LYS A 185 -0.18 7.21 -27.02
C LYS A 185 0.70 5.94 -27.05
N VAL A 186 0.92 5.32 -25.87
CA VAL A 186 1.74 4.10 -25.81
C VAL A 186 0.94 2.87 -26.27
N LEU A 187 -0.40 2.88 -26.10
CA LEU A 187 -1.26 1.80 -26.59
C LEU A 187 -1.24 1.76 -28.12
N ASN A 188 -1.06 2.93 -28.76
CA ASN A 188 -1.02 3.05 -30.21
C ASN A 188 0.38 2.99 -30.81
N SER A 189 1.42 3.29 -30.03
CA SER A 189 2.80 3.27 -30.54
C SER A 189 3.78 2.52 -29.59
N VAL A 190 5.08 2.41 -29.93
CA VAL A 190 6.04 1.73 -29.07
C VAL A 190 6.95 2.79 -28.45
N LEU A 191 6.68 3.17 -27.20
CA LEU A 191 7.49 4.18 -26.51
C LEU A 191 7.79 3.68 -25.08
N PRO A 192 8.83 2.84 -24.93
CA PRO A 192 9.11 2.23 -23.61
C PRO A 192 9.61 3.17 -22.52
N ASN A 193 10.24 4.30 -22.88
CA ASN A 193 10.77 5.22 -21.87
C ASN A 193 9.83 6.38 -21.51
N LEU A 194 8.65 6.46 -22.13
CA LEU A 194 7.71 7.55 -21.88
C LEU A 194 7.29 7.61 -20.42
N SER A 195 7.39 8.80 -19.81
CA SER A 195 7.04 8.98 -18.41
C SER A 195 6.41 10.35 -18.20
N SER A 196 5.61 10.47 -17.14
CA SER A 196 5.05 11.76 -16.75
C SER A 196 6.10 12.42 -15.80
N GLY A 197 5.75 13.57 -15.24
CA GLY A 197 6.62 14.24 -14.27
C GLY A 197 6.53 13.55 -12.92
N PRO A 198 7.49 13.81 -12.03
N PRO A 198 7.49 13.81 -12.03
CA PRO A 198 7.44 13.17 -10.70
CA PRO A 198 7.44 13.17 -10.70
C PRO A 198 6.33 13.72 -9.81
C PRO A 198 6.33 13.72 -9.81
N ILE A 199 6.00 12.99 -8.74
CA ILE A 199 4.98 13.43 -7.78
C ILE A 199 5.55 14.64 -7.03
N ASP A 200 4.83 15.77 -7.03
CA ASP A 200 5.25 17.01 -6.35
C ASP A 200 5.26 16.70 -4.84
N SER A 201 6.45 16.63 -4.23
CA SER A 201 6.57 16.29 -2.80
CA SER A 201 6.59 16.31 -2.80
C SER A 201 5.85 17.28 -1.87
N SER A 202 5.73 18.55 -2.28
CA SER A 202 5.06 19.54 -1.41
C SER A 202 3.58 19.23 -1.13
N VAL A 203 2.92 18.46 -2.01
CA VAL A 203 1.51 18.10 -1.78
C VAL A 203 1.33 16.86 -0.90
N LEU A 204 2.44 16.23 -0.45
CA LEU A 204 2.33 15.04 0.36
C LEU A 204 1.81 15.32 1.76
N SER A 205 2.28 16.42 2.36
CA SER A 205 1.95 16.68 3.74
C SER A 205 2.24 18.13 4.06
N ARG A 206 1.43 18.70 4.94
CA ARG A 206 1.71 20.07 5.43
C ARG A 206 2.92 20.08 6.39
N ASN A 207 3.32 18.90 6.90
CA ASN A 207 4.45 18.74 7.78
C ASN A 207 5.71 18.77 6.91
N LYS A 208 6.36 19.95 6.90
CA LYS A 208 7.56 20.13 6.08
C LYS A 208 8.69 19.18 6.41
N THR A 209 8.83 18.77 7.69
CA THR A 209 9.89 17.82 8.05
C THR A 209 9.65 16.46 7.34
N GLU A 210 8.38 16.01 7.30
CA GLU A 210 8.05 14.76 6.63
C GLU A 210 8.27 14.86 5.12
N VAL A 211 8.02 16.04 4.52
CA VAL A 211 8.33 16.23 3.09
C VAL A 211 9.86 16.09 2.87
N ASP A 212 10.63 16.73 3.75
CA ASP A 212 12.10 16.64 3.68
C ASP A 212 12.63 15.20 3.88
N ILE A 213 12.01 14.44 4.78
CA ILE A 213 12.38 13.06 5.03
C ILE A 213 12.10 12.22 3.79
N TYR A 214 10.92 12.43 3.16
CA TYR A 214 10.58 11.73 1.91
C TYR A 214 11.63 12.03 0.84
N ASN A 215 12.04 13.30 0.72
CA ASN A 215 13.03 13.69 -0.27
C ASN A 215 14.45 13.19 0.04
N SER A 216 14.70 12.69 1.25
CA SER A 216 16.05 12.23 1.66
C SER A 216 16.21 10.72 1.68
N ASP A 217 15.10 9.98 1.62
CA ASP A 217 15.15 8.52 1.76
C ASP A 217 15.65 7.89 0.45
N PRO A 218 16.81 7.23 0.47
CA PRO A 218 17.31 6.60 -0.77
C PRO A 218 16.47 5.40 -1.24
N LEU A 219 15.63 4.85 -0.36
CA LEU A 219 14.77 3.72 -0.77
C LEU A 219 13.49 4.16 -1.49
N ILE A 220 13.23 5.48 -1.57
CA ILE A 220 12.04 5.97 -2.23
C ILE A 220 12.39 6.31 -3.66
N CYS A 221 11.54 5.90 -4.60
CA CYS A 221 11.72 6.25 -5.99
C CYS A 221 10.96 7.53 -6.25
N ARG A 222 11.70 8.59 -6.55
CA ARG A 222 11.08 9.88 -6.82
C ARG A 222 11.17 10.28 -8.31
N ALA A 223 11.39 9.31 -9.19
CA ALA A 223 11.44 9.56 -10.62
C ALA A 223 10.00 9.76 -11.14
N GLY A 224 9.86 10.29 -12.36
CA GLY A 224 8.54 10.43 -12.97
C GLY A 224 7.92 9.07 -13.19
N LEU A 225 6.60 9.00 -13.11
CA LEU A 225 5.89 7.74 -13.27
C LEU A 225 5.95 7.29 -14.72
N LYS A 226 6.46 6.08 -14.98
CA LYS A 226 6.50 5.55 -16.34
C LYS A 226 5.05 5.35 -16.83
N VAL A 227 4.81 5.56 -18.13
CA VAL A 227 3.44 5.43 -18.65
C VAL A 227 2.91 4.00 -18.48
N CYS A 228 3.75 2.97 -18.60
CA CYS A 228 3.30 1.59 -18.39
CA CYS A 228 3.33 1.58 -18.37
C CYS A 228 2.80 1.41 -16.94
N PHE A 229 3.46 2.06 -15.97
CA PHE A 229 3.03 1.97 -14.56
C PHE A 229 1.72 2.77 -14.37
N GLY A 230 1.62 3.92 -15.04
CA GLY A 230 0.40 4.75 -15.02
C GLY A 230 -0.82 3.99 -15.51
N ILE A 231 -0.63 3.13 -16.55
CA ILE A 231 -1.65 2.24 -17.12
C ILE A 231 -2.12 1.26 -16.05
N GLN A 232 -1.18 0.70 -15.27
CA GLN A 232 -1.56 -0.21 -14.20
C GLN A 232 -2.30 0.50 -13.08
N LEU A 233 -2.02 1.80 -12.85
CA LEU A 233 -2.74 2.57 -11.85
C LEU A 233 -4.15 2.86 -12.37
N LEU A 234 -4.31 3.08 -13.69
CA LEU A 234 -5.64 3.25 -14.30
C LEU A 234 -6.40 1.92 -14.17
N ASN A 235 -5.70 0.78 -14.34
CA ASN A 235 -6.31 -0.53 -14.16
C ASN A 235 -6.77 -0.69 -12.73
N ALA A 236 -5.95 -0.28 -11.75
CA ALA A 236 -6.29 -0.36 -10.34
C ALA A 236 -7.57 0.43 -10.04
N VAL A 237 -7.67 1.67 -10.53
CA VAL A 237 -8.85 2.51 -10.31
C VAL A 237 -10.11 1.86 -10.91
N SER A 238 -9.99 1.29 -12.11
CA SER A 238 -11.12 0.64 -12.77
CA SER A 238 -11.12 0.64 -12.77
C SER A 238 -11.56 -0.60 -12.01
N ARG A 239 -10.58 -1.41 -11.58
CA ARG A 239 -10.83 -2.64 -10.82
C ARG A 239 -11.41 -2.33 -9.46
N VAL A 240 -10.95 -1.25 -8.80
CA VAL A 240 -11.49 -0.88 -7.48
C VAL A 240 -12.97 -0.53 -7.64
N GLU A 241 -13.30 0.25 -8.69
CA GLU A 241 -14.70 0.64 -8.93
C GLU A 241 -15.59 -0.59 -9.11
N ARG A 242 -15.14 -1.58 -9.90
CA ARG A 242 -15.91 -2.80 -10.10
C ARG A 242 -15.99 -3.67 -8.84
N ALA A 243 -15.00 -3.55 -7.94
CA ALA A 243 -14.97 -4.38 -6.74
C ALA A 243 -15.87 -3.86 -5.63
N LEU A 244 -16.18 -2.57 -5.61
CA LEU A 244 -16.93 -1.98 -4.49
C LEU A 244 -18.26 -2.68 -4.15
N PRO A 245 -19.13 -3.07 -5.12
CA PRO A 245 -20.34 -3.83 -4.74
C PRO A 245 -20.05 -5.24 -4.19
N LYS A 246 -18.84 -5.74 -4.36
CA LYS A 246 -18.41 -7.04 -3.82
C LYS A 246 -17.75 -6.88 -2.43
N LEU A 247 -17.40 -5.64 -2.04
CA LEU A 247 -16.67 -5.40 -0.81
C LEU A 247 -17.65 -5.44 0.36
N THR A 248 -17.43 -6.36 1.27
CA THR A 248 -18.24 -6.51 2.49
C THR A 248 -17.40 -6.40 3.76
N VAL A 249 -16.06 -6.34 3.65
CA VAL A 249 -15.20 -6.31 4.80
C VAL A 249 -15.43 -5.05 5.64
N PRO A 250 -15.39 -5.15 6.97
CA PRO A 250 -15.44 -3.93 7.80
C PRO A 250 -14.26 -3.01 7.46
N PHE A 251 -14.50 -1.68 7.44
CA PHE A 251 -13.37 -0.79 7.17
C PHE A 251 -13.49 0.54 7.84
N LEU A 252 -12.31 1.12 8.08
CA LEU A 252 -12.11 2.48 8.60
C LEU A 252 -11.40 3.21 7.47
N LEU A 253 -11.95 4.35 7.05
CA LEU A 253 -11.42 5.11 5.93
C LEU A 253 -11.05 6.50 6.44
N LEU A 254 -9.78 6.88 6.27
CA LEU A 254 -9.28 8.17 6.75
C LEU A 254 -8.86 8.95 5.51
N GLN A 255 -9.31 10.21 5.38
CA GLN A 255 -9.05 10.97 4.15
C GLN A 255 -8.90 12.46 4.47
N GLY A 256 -7.91 13.09 3.85
CA GLY A 256 -7.70 14.53 4.00
C GLY A 256 -8.53 15.26 2.96
N SER A 257 -9.11 16.42 3.34
CA SER A 257 -9.95 17.14 2.42
C SER A 257 -9.18 17.88 1.33
N ALA A 258 -7.87 18.13 1.54
CA ALA A 258 -7.07 18.85 0.57
C ALA A 258 -6.04 17.92 -0.09
N ASP A 259 -6.43 16.67 -0.31
CA ASP A 259 -5.54 15.68 -0.91
C ASP A 259 -5.51 15.88 -2.43
N ARG A 260 -4.34 16.25 -2.97
CA ARG A 260 -4.16 16.48 -4.40
C ARG A 260 -3.73 15.21 -5.16
N LEU A 261 -3.56 14.08 -4.47
CA LEU A 261 -3.11 12.83 -5.09
C LEU A 261 -4.23 11.80 -5.21
N CYS A 262 -4.98 11.59 -4.12
CA CYS A 262 -6.14 10.71 -4.10
C CYS A 262 -7.29 11.57 -3.75
N ASP A 263 -8.08 11.89 -4.79
CA ASP A 263 -9.21 12.80 -4.64
C ASP A 263 -10.19 12.37 -3.59
N SER A 264 -10.53 13.29 -2.68
CA SER A 264 -11.45 12.99 -1.58
C SER A 264 -12.80 12.47 -2.07
N LYS A 265 -13.21 12.78 -3.30
CA LYS A 265 -14.44 12.25 -3.91
C LYS A 265 -14.41 10.71 -3.94
N GLY A 266 -13.22 10.13 -4.06
CA GLY A 266 -13.05 8.67 -4.04
C GLY A 266 -13.43 8.09 -2.70
N ALA A 267 -13.07 8.78 -1.60
CA ALA A 267 -13.43 8.30 -0.26
C ALA A 267 -14.95 8.30 -0.09
N TYR A 268 -15.64 9.35 -0.58
CA TYR A 268 -17.11 9.41 -0.48
C TYR A 268 -17.73 8.31 -1.37
N LEU A 269 -17.13 8.04 -2.54
CA LEU A 269 -17.63 6.99 -3.43
C LEU A 269 -17.51 5.62 -2.78
N LEU A 270 -16.39 5.37 -2.07
CA LEU A 270 -16.16 4.11 -1.40
C LEU A 270 -17.20 3.94 -0.28
N MET A 271 -17.46 4.99 0.52
CA MET A 271 -18.50 4.91 1.56
C MET A 271 -19.86 4.61 0.99
N GLU A 272 -20.17 5.19 -0.17
CA GLU A 272 -21.47 5.00 -0.78
C GLU A 272 -21.64 3.65 -1.45
N LEU A 273 -20.63 3.19 -2.22
CA LEU A 273 -20.81 1.99 -3.03
C LEU A 273 -20.42 0.67 -2.37
N ALA A 274 -19.55 0.67 -1.34
CA ALA A 274 -19.21 -0.60 -0.67
C ALA A 274 -20.44 -1.20 -0.01
N LYS A 275 -20.54 -2.53 0.00
CA LYS A 275 -21.69 -3.17 0.64
C LYS A 275 -21.48 -3.44 2.13
N SER A 276 -20.26 -3.18 2.65
CA SER A 276 -19.87 -3.41 4.03
C SER A 276 -20.90 -2.90 5.05
N GLN A 277 -21.31 -3.77 5.97
CA GLN A 277 -22.20 -3.35 7.05
C GLN A 277 -21.48 -2.50 8.12
N ASP A 278 -20.13 -2.53 8.15
CA ASP A 278 -19.37 -1.79 9.14
C ASP A 278 -18.39 -0.87 8.42
N LYS A 279 -18.80 0.36 8.15
CA LYS A 279 -17.96 1.30 7.42
C LYS A 279 -18.00 2.66 8.08
N THR A 280 -16.81 3.24 8.26
CA THR A 280 -16.65 4.52 8.94
C THR A 280 -15.71 5.39 8.15
N LEU A 281 -16.03 6.67 8.01
CA LEU A 281 -15.18 7.65 7.31
C LEU A 281 -14.82 8.76 8.29
N LYS A 282 -13.55 9.15 8.32
CA LYS A 282 -13.14 10.32 9.08
C LYS A 282 -12.42 11.23 8.10
N ILE A 283 -12.89 12.47 7.99
CA ILE A 283 -12.32 13.49 7.11
C ILE A 283 -11.46 14.41 7.96
N TYR A 284 -10.24 14.71 7.48
CA TYR A 284 -9.32 15.63 8.15
C TYR A 284 -9.28 16.93 7.35
N GLU A 285 -9.96 17.95 7.88
CA GLU A 285 -10.15 19.21 7.19
C GLU A 285 -8.83 19.92 6.96
N GLY A 286 -8.53 20.13 5.69
CA GLY A 286 -7.32 20.83 5.27
C GLY A 286 -6.08 19.96 5.14
N ALA A 287 -6.17 18.69 5.56
CA ALA A 287 -5.01 17.81 5.51
C ALA A 287 -4.66 17.35 4.12
N TYR A 288 -3.37 17.06 3.90
CA TYR A 288 -2.90 16.62 2.62
C TYR A 288 -2.99 15.09 2.49
N HIS A 289 -2.14 14.46 1.69
CA HIS A 289 -2.24 13.04 1.39
C HIS A 289 -1.75 12.06 2.46
N VAL A 290 -0.55 12.28 2.99
CA VAL A 290 0.06 11.29 3.88
C VAL A 290 -0.37 11.56 5.31
N LEU A 291 -1.60 11.10 5.66
CA LEU A 291 -2.19 11.44 6.96
C LEU A 291 -1.42 10.96 8.16
N HIS A 292 -0.71 9.83 8.03
CA HIS A 292 0.04 9.31 9.15
C HIS A 292 1.43 10.00 9.28
N LYS A 293 1.71 11.00 8.43
CA LYS A 293 2.95 11.81 8.46
C LYS A 293 2.58 13.28 8.20
N GLU A 294 1.45 13.71 8.76
CA GLU A 294 0.93 15.05 8.59
C GLU A 294 1.29 15.90 9.80
N LEU A 295 0.61 17.04 10.01
CA LEU A 295 0.85 17.87 11.19
C LEU A 295 0.57 17.03 12.45
N PRO A 296 1.31 17.23 13.55
CA PRO A 296 1.09 16.40 14.75
C PRO A 296 -0.35 16.23 15.21
N GLU A 297 -1.18 17.27 15.12
CA GLU A 297 -2.58 17.17 15.53
C GLU A 297 -3.32 16.12 14.68
N VAL A 298 -3.02 16.06 13.38
CA VAL A 298 -3.63 15.10 12.49
C VAL A 298 -3.04 13.70 12.74
N THR A 299 -1.70 13.58 12.74
CA THR A 299 -1.06 12.29 12.93
C THR A 299 -1.44 11.64 14.25
N ASN A 300 -1.47 12.43 15.34
CA ASN A 300 -1.86 11.87 16.64
C ASN A 300 -3.29 11.32 16.61
N SER A 301 -4.19 12.02 15.92
CA SER A 301 -5.59 11.59 15.77
C SER A 301 -5.65 10.32 14.92
N VAL A 302 -4.91 10.27 13.81
CA VAL A 302 -4.88 9.11 12.93
C VAL A 302 -4.46 7.86 13.71
N PHE A 303 -3.37 7.97 14.52
CA PHE A 303 -2.90 6.83 15.30
C PHE A 303 -3.95 6.45 16.33
N HIS A 304 -4.56 7.43 17.01
CA HIS A 304 -5.57 7.16 18.03
C HIS A 304 -6.79 6.44 17.43
N GLU A 305 -7.29 6.92 16.28
CA GLU A 305 -8.47 6.36 15.64
C GLU A 305 -8.25 4.93 15.16
N ILE A 306 -7.06 4.65 14.59
CA ILE A 306 -6.75 3.30 14.16
C ILE A 306 -6.62 2.39 15.38
N ASN A 307 -5.98 2.89 16.46
CA ASN A 307 -5.84 2.12 17.70
C ASN A 307 -7.25 1.74 18.23
N MET A 308 -8.17 2.70 18.34
CA MET A 308 -9.52 2.43 18.85
C MET A 308 -10.28 1.46 17.96
N TRP A 309 -10.19 1.67 16.63
CA TRP A 309 -10.94 0.85 15.67
C TRP A 309 -10.49 -0.61 15.69
N VAL A 310 -9.18 -0.83 15.68
CA VAL A 310 -8.64 -2.20 15.74
C VAL A 310 -8.85 -2.81 17.12
N SER A 311 -8.71 -2.01 18.20
CA SER A 311 -8.93 -2.52 19.56
C SER A 311 -10.38 -3.00 19.74
N GLN A 312 -11.33 -2.25 19.19
CA GLN A 312 -12.75 -2.62 19.27
C GLN A 312 -13.05 -3.91 18.51
N ARG A 313 -12.29 -4.21 17.46
CA ARG A 313 -12.53 -5.37 16.62
C ARG A 313 -11.58 -6.55 16.88
N THR A 314 -10.79 -6.48 17.97
CA THR A 314 -9.86 -7.55 18.40
C THR A 314 -10.12 -7.97 19.87
N ALA A 315 -10.97 -7.23 20.60
CA ALA A 315 -11.36 -7.51 21.99
C ALA A 315 -12.08 -8.87 22.11
C8 A1IA2 B . 4.06 8.34 1.09
C9 A1IA2 B . 5.09 9.06 0.26
C1 A1IA2 B . 2.61 8.27 -0.98
C6 A1IA2 B . 2.04 7.11 -1.80
C4 A1IA2 B . 2.76 8.19 -3.93
C3 A1IA2 B . 3.47 9.27 -3.11
C2 A1IA2 B . 3.85 8.75 -1.74
N5 A1IA2 B . 1.68 7.55 -3.15
N7 A1IA2 B . 2.96 7.97 0.42
O10 A1IA2 B . 4.57 9.68 -0.92
O13 A1IA2 B . 4.21 8.16 2.29
C14 A1IA2 B . 0.82 6.73 -3.88
N15 A1IA2 B . 0.13 7.37 -4.87
O16 A1IA2 B . 0.64 5.54 -3.65
C17 A1IA2 B . -0.55 6.57 -5.89
C18 A1IA2 B . -0.44 7.22 -7.27
C19 A1IA2 B . -0.94 8.66 -7.26
C20 A1IA2 B . -0.25 9.44 -6.15
C21 A1IA2 B . -0.40 8.75 -4.81
C22 A1IA2 B . -0.77 9.33 -8.63
C23 A1IA2 B . -1.62 8.75 -9.72
C24 A1IA2 B . -2.88 8.25 -9.44
C25 A1IA2 B . -3.64 7.63 -10.42
C26 A1IA2 B . -3.17 7.54 -11.72
C27 A1IA2 B . -1.90 8.02 -12.00
C28 A1IA2 B . -1.14 8.62 -11.01
C29 A1IA2 B . -4.06 7.07 -12.82
F30 A1IA2 B . -4.80 8.07 -13.33
F31 A1IA2 B . -3.38 6.54 -13.83
F32 A1IA2 B . -4.92 6.14 -12.42
NA NA C . 7.20 -20.87 -7.95
NA NA D . -2.69 -19.52 16.11
C1 EDO E . 13.68 3.04 6.54
O1 EDO E . 13.50 1.72 7.01
C2 EDO E . 12.68 3.97 7.21
O2 EDO E . 12.75 5.25 6.61
C1 EDO F . 14.18 1.87 -4.42
O1 EDO F . 15.23 1.06 -4.92
C2 EDO F . 14.43 3.33 -4.82
O2 EDO F . 14.42 3.46 -6.24
#